data_2WW7
#
_entry.id   2WW7
#
_cell.length_a   27.730
_cell.length_b   28.500
_cell.length_c   48.755
_cell.angle_alpha   77.25
_cell.angle_beta   88.00
_cell.angle_gamma   69.45
#
_symmetry.space_group_name_H-M   'P 1'
#
loop_
_entity.id
_entity.type
_entity.pdbx_description
1 polymer FIBRITIN
2 water water
#
_entity_poly.entity_id   1
_entity_poly.type   'polypeptide(L)'
_entity_poly.pdbx_seq_one_letter_code
;(NA8)IPEAPRD(DAL)QAYVRK(TH6)(PRS)EWVLLSTFL
;
_entity_poly.pdbx_strand_id   A,B,C,D,E,F
#
# COMPACT_ATOMS: atom_id res chain seq x y z
C NA8 A 1 3.38 -9.03 4.31
N NA8 A 1 4.62 -10.68 2.96
O NA8 A 1 3.47 -8.22 3.39
C1 NA8 A 1 6.42 -7.92 4.98
C1 NA8 A 1 7.27 -8.81 3.97
C2 NA8 A 1 6.43 -9.25 4.60
C2 NA8 A 1 6.22 -8.71 4.86
C3 NA8 A 1 7.35 -9.66 3.66
C3 NA8 A 1 5.98 -7.45 5.37
C4 NA8 A 1 8.18 -8.71 3.11
C4 NA8 A 1 6.71 -6.32 5.03
C4A NA8 A 1 8.21 -7.38 3.48
C4A NA8 A 1 7.75 -6.45 4.12
C5 NA8 A 1 9.07 -6.44 2.96
C5 NA8 A 1 8.49 -5.35 3.76
C6 NA8 A 1 9.06 -5.12 3.36
C6 NA8 A 1 9.54 -5.47 2.86
C7 NA8 A 1 8.15 -4.74 4.32
C7 NA8 A 1 9.82 -6.72 2.32
C8 NA8 A 1 7.27 -5.67 4.85
C8 NA8 A 1 9.06 -7.80 2.69
C8A NA8 A 1 7.29 -6.99 4.45
C8A NA8 A 1 8.01 -7.71 3.59
C9 NA8 A 1 5.47 -10.24 5.19
C9 NA8 A 1 5.46 -9.95 5.23
CA NA8 A 1 4.20 -10.32 4.36
CA NA8 A 1 4.26 -10.25 4.33
H2 NA8 A 1 4.58 -9.93 2.34
HA NA8 A 1 3.65 -11.06 4.67
HA NA8 A 1 3.77 -11.01 4.71
H NA8 A 1 4.04 -11.37 2.64
H3 NA8 A 1 5.53 -11.00 2.95
H1 NA8 A 1 5.82 -7.62 5.63
H1 NA8 A 1 7.49 -9.62 3.58
H9 NA8 A 1 7.38 -10.54 3.34
H9 NA8 A 1 5.28 -7.41 5.98
H91C NA8 A 1 5.50 -10.99 5.81
H91C NA8 A 1 6.10 -10.68 5.16
H92C NA8 A 1 5.53 -9.41 5.69
H92C NA8 A 1 5.15 -9.87 6.15
H4 NA8 A 1 8.81 -8.94 2.48
H4 NA8 A 1 6.50 -5.51 5.40
H5 NA8 A 1 9.69 -6.70 2.31
H5 NA8 A 1 8.30 -4.51 4.12
H6 NA8 A 1 9.65 -4.53 2.96
H6 NA8 A 1 10.04 -4.73 2.61
H7 NA8 A 1 8.10 -3.85 4.61
H7 NA8 A 1 10.52 -6.81 1.71
H8 NA8 A 1 6.65 -5.42 5.50
H8 NA8 A 1 9.25 -8.64 2.34
N ILE A 2 2.57 -8.87 5.35
CA ILE A 2 1.76 -7.66 5.44
CA ILE A 2 1.73 -7.70 5.51
C ILE A 2 2.62 -6.67 6.19
N PRO A 3 2.79 -5.47 5.62
CA PRO A 3 3.57 -4.44 6.26
C PRO A 3 2.76 -3.65 7.29
N GLU A 4 3.42 -2.73 8.00
CA GLU A 4 2.70 -1.84 8.89
CA GLU A 4 2.72 -1.83 8.91
C GLU A 4 1.82 -0.93 8.08
N ALA A 5 0.71 -0.47 8.67
CA ALA A 5 -0.13 0.55 8.09
C ALA A 5 0.63 1.87 8.16
N PRO A 6 0.16 2.85 7.38
CA PRO A 6 0.73 4.21 7.54
C PRO A 6 0.63 4.68 9.00
N ARG A 7 1.70 5.23 9.59
CA ARG A 7 1.76 5.56 11.02
C ARG A 7 1.23 7.00 11.12
N ASP A 8 -0.08 7.09 11.20
N ASP A 8 -0.05 7.23 10.81
CA ASP A 8 -0.73 8.39 11.19
CA ASP A 8 -0.87 8.43 10.54
C ASP A 8 -1.91 8.49 12.13
C ASP A 8 -2.10 8.77 11.38
N DAL A 9 -2.05 7.55 13.06
N DAL A 9 -2.19 8.04 12.50
CA DAL A 9 -3.17 7.73 13.97
CA DAL A 9 -3.23 8.19 13.52
CB DAL A 9 -2.92 6.91 15.23
CB DAL A 9 -2.80 7.43 14.76
C DAL A 9 -4.51 7.48 13.27
C DAL A 9 -4.63 7.69 13.16
O DAL A 9 -5.51 7.81 13.91
O DAL A 9 -5.64 7.96 13.82
H DAL A 9 -1.56 6.85 13.18
H DAL A 9 -1.64 7.42 12.68
HA DAL A 9 -3.16 8.68 14.23
HA DAL A 9 -3.32 9.13 13.75
HB1 DAL A 9 -2.71 6.01 14.96
HB1 DAL A 9 -2.64 6.51 14.53
HB2 DAL A 9 -3.73 6.90 15.76
HB2 DAL A 9 -3.48 7.50 15.42
HB3 DAL A 9 -2.22 7.34 15.72
HB3 DAL A 9 -1.98 7.83 15.09
N GLN A 10 -4.66 6.95 12.06
CA GLN A 10 -5.95 6.59 11.45
CA GLN A 10 -5.95 6.57 11.48
C GLN A 10 -6.06 5.07 11.33
N ALA A 11 -7.29 4.57 11.38
CA ALA A 11 -7.56 3.14 11.26
C ALA A 11 -7.60 2.70 9.80
N TYR A 12 -7.00 1.53 9.55
CA TYR A 12 -6.90 0.91 8.25
C TYR A 12 -7.46 -0.50 8.29
N VAL A 13 -8.00 -0.90 7.15
CA VAL A 13 -8.42 -2.26 6.87
C VAL A 13 -7.68 -2.75 5.63
N ARG A 14 -7.75 -4.04 5.35
CA ARG A 14 -7.06 -4.62 4.21
CA ARG A 14 -7.05 -4.64 4.24
C ARG A 14 -7.99 -4.67 3.03
N LYS A 15 -7.54 -4.18 1.89
CA LYS A 15 -8.31 -4.20 0.64
CA LYS A 15 -8.29 -4.16 0.62
C LYS A 15 -7.33 -4.83 -0.36
N TH6 A 16 -7.59 -6.08 -0.73
CA TH6 A 16 -6.60 -6.86 -1.45
CB TH6 A 16 -6.57 -6.57 -2.95
OB1 TH6 A 16 -7.66 -7.29 -3.51
CG TH6 A 16 -5.21 -6.92 -3.55
OG1 TH6 A 16 -4.98 -8.31 -3.40
C TH6 A 16 -5.27 -6.75 -0.67
O TH6 A 16 -5.27 -6.94 0.55
H TH6 A 16 -8.32 -6.53 -0.58
HA TH6 A 16 -6.84 -7.81 -1.35
HB TH6 A 16 -6.72 -5.63 -3.11
HB1 TH6 A 16 -7.70 -7.16 -4.32
HG1C TH6 A 16 -5.19 -6.69 -4.49
HG1 TH6 A 16 -4.27 -8.51 -3.73
N PRS A 17 -4.18 -6.43 -1.36
CD PRS A 17 -4.18 -6.08 -2.80
CA PRS A 17 -2.85 -6.42 -0.76
CB PRS A 17 -1.93 -7.08 -1.80
SG PRS A 17 -2.47 -6.34 -3.35
C PRS A 17 -2.39 -5.04 -0.31
O PRS A 17 -1.19 -4.78 -0.25
HD3 PRS A 17 -4.40 -5.13 -2.84
HA PRS A 17 -2.77 -7.00 0.01
HB2 PRS A 17 -2.12 -8.02 -1.83
HB3 PRS A 17 -0.98 -6.93 -1.66
N GLU A 18 -3.35 -4.17 0.06
CA GLU A 18 -3.04 -2.84 0.51
C GLU A 18 -3.82 -2.51 1.76
N TRP A 19 -3.31 -1.54 2.52
CA TRP A 19 -4.02 -0.93 3.63
C TRP A 19 -4.79 0.29 3.13
N VAL A 20 -6.09 0.35 3.44
CA VAL A 20 -6.98 1.43 3.01
C VAL A 20 -7.75 1.90 4.23
N LEU A 21 -7.97 3.20 4.34
CA LEU A 21 -8.62 3.77 5.50
C LEU A 21 -10.00 3.14 5.74
N LEU A 22 -10.26 2.80 6.99
CA LEU A 22 -11.57 2.31 7.41
C LEU A 22 -12.67 3.26 7.00
N SER A 23 -12.45 4.56 7.17
CA SER A 23 -13.45 5.57 6.88
C SER A 23 -13.96 5.53 5.43
N THR A 24 -13.14 5.04 4.51
CA THR A 24 -13.51 5.02 3.11
C THR A 24 -14.56 3.95 2.80
N PHE A 25 -14.92 3.11 3.77
CA PHE A 25 -15.85 2.03 3.57
C PHE A 25 -17.15 2.25 4.34
N LEU A 26 -17.21 3.21 5.24
CA LEU A 26 -18.33 3.38 6.16
C LEU A 26 -19.41 4.32 5.64
C NA8 B 1 1.75 -14.73 9.09
N NA8 B 1 3.25 -16.40 10.05
O NA8 B 1 1.23 -15.60 8.41
C1 NA8 B 1 6.39 -15.52 9.58
C2 NA8 B 1 5.62 -14.43 9.24
C3 NA8 B 1 6.16 -13.18 9.52
C4 NA8 B 1 7.41 -13.01 10.09
C4A NA8 B 1 8.18 -14.09 10.44
C5 NA8 B 1 9.44 -13.93 11.01
C6 NA8 B 1 10.16 -15.08 11.35
C7 NA8 B 1 9.65 -16.33 11.10
C8 NA8 B 1 8.41 -16.46 10.51
C8A NA8 B 1 7.64 -15.35 10.17
C9 NA8 B 1 4.25 -14.63 8.62
CA NA8 B 1 3.15 -14.97 9.66
H2 NA8 B 1 3.58 -16.43 10.96
HA NA8 B 1 3.32 -14.43 10.45
H NA8 B 1 3.83 -16.92 9.51
H3 NA8 B 1 2.40 -16.86 10.05
H1 NA8 B 1 6.06 -16.37 9.44
H9 NA8 B 1 5.66 -12.43 9.29
H91C NA8 B 1 4.04 -13.78 8.21
H92C NA8 B 1 4.30 -15.30 7.93
H4 NA8 B 1 7.72 -12.14 10.24
H5 NA8 B 1 9.77 -13.09 11.18
H6 NA8 B 1 11.00 -14.99 11.72
H7 NA8 B 1 10.15 -17.08 11.31
H8 NA8 B 1 8.04 -17.29 10.33
N ILE B 2 1.19 -13.55 9.38
CA ILE B 2 -0.16 -13.26 8.93
CA ILE B 2 -0.16 -13.24 8.93
C ILE B 2 -0.22 -13.25 7.42
N PRO B 3 -1.15 -14.02 6.85
CA PRO B 3 -1.29 -14.09 5.41
C PRO B 3 -2.16 -12.96 4.85
N GLU B 4 -2.07 -12.81 3.53
CA GLU B 4 -2.87 -11.83 2.81
CA GLU B 4 -2.86 -11.79 2.84
C GLU B 4 -4.36 -12.16 2.81
N ALA B 5 -5.14 -11.09 2.70
CA ALA B 5 -6.59 -11.19 2.52
C ALA B 5 -6.89 -11.60 1.09
N PRO B 6 -8.13 -12.07 0.86
CA PRO B 6 -8.51 -12.43 -0.50
C PRO B 6 -8.33 -11.28 -1.47
N ARG B 7 -7.96 -11.65 -2.69
CA ARG B 7 -7.71 -10.67 -3.75
CA ARG B 7 -7.69 -10.71 -3.79
C ARG B 7 -9.00 -10.35 -4.49
N ASP B 8 -9.93 -9.73 -3.76
CA ASP B 8 -11.27 -9.48 -4.28
C ASP B 8 -11.72 -8.04 -4.25
N DAL B 9 -10.84 -7.12 -3.85
CA DAL B 9 -11.17 -5.69 -3.89
CB DAL B 9 -9.91 -4.85 -3.99
C DAL B 9 -12.01 -5.21 -2.72
O DAL B 9 -12.37 -4.04 -2.70
H DAL B 9 -10.05 -7.24 -3.53
HA DAL B 9 -11.70 -5.44 -4.67
HB1 DAL B 9 -9.38 -4.98 -3.20
HB2 DAL B 9 -10.13 -3.93 -4.14
HB3 DAL B 9 -9.41 -5.17 -4.76
N GLN B 10 -12.34 -6.07 -1.76
CA GLN B 10 -13.20 -5.73 -0.66
C GLN B 10 -12.40 -5.52 0.61
N ALA B 11 -12.97 -4.71 1.50
CA ALA B 11 -12.37 -4.47 2.82
C ALA B 11 -12.57 -5.66 3.76
N TYR B 12 -11.48 -6.06 4.40
CA TYR B 12 -11.45 -7.10 5.44
C TYR B 12 -10.88 -6.56 6.73
N VAL B 13 -11.46 -7.01 7.83
CA VAL B 13 -10.93 -6.83 9.18
C VAL B 13 -10.34 -8.16 9.64
N ARG B 14 -9.54 -8.14 10.69
CA ARG B 14 -8.89 -9.33 11.20
C ARG B 14 -9.63 -9.79 12.43
N LYS B 15 -10.11 -11.04 12.45
CA LYS B 15 -10.90 -11.53 13.56
CA LYS B 15 -10.93 -11.56 13.53
C LYS B 15 -10.29 -12.89 13.90
N TH6 B 16 -9.64 -12.96 15.04
CA TH6 B 16 -8.78 -14.11 15.31
CB TH6 B 16 -9.54 -15.35 15.83
OB1 TH6 B 16 -9.75 -15.12 17.22
CG TH6 B 16 -8.73 -16.60 15.57
OG1 TH6 B 16 -7.46 -16.53 16.23
C TH6 B 16 -7.91 -14.32 14.08
O TH6 B 16 -7.33 -13.36 13.57
H TH6 B 16 -9.63 -12.40 15.69
HA TH6 B 16 -8.15 -13.84 16.00
HB TH6 B 16 -10.38 -15.43 15.38
HB1 TH6 B 16 -9.98 -15.82 17.59
HG1C TH6 B 16 -9.27 -17.34 15.85
HG1 TH6 B 16 -7.04 -17.22 16.10
N PRS B 17 -7.78 -15.56 13.56
CD PRS B 17 -8.54 -16.73 14.05
CA PRS B 17 -6.88 -15.90 12.48
CB PRS B 17 -6.22 -17.20 12.88
SG PRS B 17 -7.61 -18.17 13.51
C PRS B 17 -7.59 -15.93 11.13
O PRS B 17 -7.19 -16.66 10.23
HD3 PRS B 17 -9.40 -16.73 13.62
HA PRS B 17 -6.13 -15.28 12.38
HB2 PRS B 17 -5.59 -17.04 13.61
HB3 PRS B 17 -5.77 -17.68 12.16
N GLU B 18 -8.63 -15.10 10.99
CA GLU B 18 -9.40 -15.01 9.76
CA GLU B 18 -9.36 -15.02 9.74
C GLU B 18 -9.52 -13.57 9.32
N TRP B 19 -9.52 -13.37 8.01
CA TRP B 19 -9.95 -12.11 7.40
C TRP B 19 -11.46 -12.24 7.21
N VAL B 20 -12.21 -11.30 7.76
CA VAL B 20 -13.67 -11.29 7.69
C VAL B 20 -14.10 -9.99 6.98
N LEU B 21 -15.06 -10.10 6.06
CA LEU B 21 -15.49 -8.90 5.36
C LEU B 21 -16.04 -7.87 6.32
N LEU B 22 -15.56 -6.64 6.17
CA LEU B 22 -16.05 -5.52 6.96
C LEU B 22 -17.57 -5.37 6.82
N SER B 23 -18.08 -5.64 5.61
CA SER B 23 -19.50 -5.43 5.39
C SER B 23 -20.40 -6.28 6.29
N THR B 24 -19.91 -7.38 6.84
CA THR B 24 -20.68 -8.25 7.73
C THR B 24 -20.99 -7.57 9.06
N PHE B 25 -20.32 -6.45 9.35
CA PHE B 25 -20.51 -5.64 10.55
C PHE B 25 -21.43 -4.45 10.28
N LEU B 26 -21.91 -4.29 9.06
CA LEU B 26 -22.64 -3.14 8.54
C LEU B 26 -24.04 -3.54 8.03
C NA8 C 1 5.33 -7.69 12.15
N NA8 C 1 7.73 -7.52 12.36
O NA8 C 1 5.31 -8.11 13.28
C1 NA8 C 1 9.22 -9.19 9.76
C2 NA8 C 1 7.97 -8.67 9.53
C3 NA8 C 1 7.84 -7.88 8.40
C4 NA8 C 1 8.87 -7.62 7.56
C4A NA8 C 1 10.12 -8.15 7.77
C5 NA8 C 1 11.21 -7.93 6.94
C6 NA8 C 1 12.44 -8.49 7.21
C7 NA8 C 1 12.61 -9.29 8.32
C8 NA8 C 1 11.53 -9.50 9.17
C8A NA8 C 1 10.28 -8.96 8.90
C9 NA8 C 1 6.80 -8.87 10.43
CA NA8 C 1 6.64 -7.67 11.37
H2 NA8 C 1 8.25 -6.74 12.12
HA NA8 C 1 6.65 -6.87 10.80
H NA8 C 1 8.32 -8.27 12.34
H3 NA8 C 1 7.45 -7.40 13.27
H1 NA8 C 1 9.27 -9.72 10.53
H9 NA8 C 1 7.01 -7.48 8.21
H91C NA8 C 1 6.05 -8.90 9.82
H92C NA8 C 1 6.82 -9.68 10.97
H4 NA8 C 1 8.74 -7.08 6.81
H5 NA8 C 1 11.12 -7.40 6.18
H6 NA8 C 1 13.16 -8.34 6.64
H7 NA8 C 1 13.44 -9.66 8.51
H8 NA8 C 1 11.53 -10.02 9.93
N ILE C 2 4.24 -7.23 11.56
CA ILE C 2 3.01 -7.19 12.31
CA ILE C 2 2.94 -7.21 12.22
C ILE C 2 2.62 -8.63 12.70
N PRO C 3 2.14 -8.81 13.92
CA PRO C 3 1.75 -10.11 14.42
C PRO C 3 0.30 -10.43 14.11
N GLU C 4 -0.09 -11.69 14.30
CA GLU C 4 -1.48 -12.09 14.32
C GLU C 4 -2.20 -11.25 15.37
N ALA C 5 -3.49 -11.01 15.14
CA ALA C 5 -4.38 -10.36 16.07
C ALA C 5 -4.62 -11.29 17.28
N PRO C 6 -5.11 -10.73 18.40
CA PRO C 6 -5.50 -11.57 19.53
C PRO C 6 -6.41 -12.72 19.12
N ARG C 7 -6.22 -13.90 19.71
CA ARG C 7 -7.06 -15.08 19.42
C ARG C 7 -8.29 -15.04 20.30
N ASP C 8 -9.15 -14.06 20.06
CA ASP C 8 -10.20 -13.70 21.01
C ASP C 8 -11.57 -13.53 20.38
N DAL C 9 -11.73 -13.87 19.11
CA DAL C 9 -13.04 -13.78 18.48
CB DAL C 9 -13.02 -14.46 17.12
C DAL C 9 -13.57 -12.36 18.31
O DAL C 9 -14.77 -12.19 18.13
H DAL C 9 -11.14 -14.15 18.55
HA DAL C 9 -13.70 -14.27 19.01
HB1 DAL C 9 -12.39 -14.01 16.56
HB2 DAL C 9 -13.90 -14.44 16.73
HB3 DAL C 9 -12.75 -15.37 17.24
N GLN C 10 -12.72 -11.34 18.35
CA GLN C 10 -13.12 -9.96 18.11
C GLN C 10 -12.46 -9.46 16.84
N ALA C 11 -13.16 -8.59 16.12
CA ALA C 11 -12.60 -7.96 14.93
C ALA C 11 -11.72 -6.78 15.31
N TYR C 12 -10.59 -6.69 14.60
CA TYR C 12 -9.62 -5.60 14.76
C TYR C 12 -9.32 -4.95 13.42
N VAL C 13 -9.00 -3.66 13.54
CA VAL C 13 -8.44 -2.86 12.46
C VAL C 13 -7.01 -2.48 12.86
N ARG C 14 -6.25 -1.90 11.95
CA ARG C 14 -4.87 -1.57 12.19
C ARG C 14 -4.71 -0.06 12.31
N LYS C 15 -4.01 0.39 13.36
CA LYS C 15 -3.83 1.82 13.56
CA LYS C 15 -3.85 1.84 13.60
C LYS C 15 -2.46 2.00 14.20
N TH6 C 16 -1.52 2.82 13.71
N TH6 C 16 -1.62 2.74 13.46
CA TH6 C 16 -0.24 3.02 14.42
CA TH6 C 16 -0.22 2.89 13.84
CB TH6 C 16 -0.50 3.75 15.77
CB TH6 C 16 -0.02 4.05 14.80
OB1 TH6 C 16 -0.64 5.16 15.50
OB1 TH6 C 16 -0.09 5.19 13.93
CG TH6 C 16 0.72 3.47 16.60
CG TH6 C 16 1.27 4.04 15.60
OG1 TH6 C 16 1.90 3.95 15.94
OG1 TH6 C 16 2.38 3.92 14.71
C TH6 C 16 0.49 1.68 14.52
C TH6 C 16 0.34 1.55 14.26
O TH6 C 16 0.56 1.03 13.46
O TH6 C 16 0.20 0.51 13.64
H TH6 C 16 -1.59 3.27 12.99
H TH6 C 16 -1.81 3.17 12.74
HA TH6 C 16 0.31 3.61 13.87
HA TH6 C 16 0.28 3.08 13.01
HB TH6 C 16 -1.26 3.51 16.30
HB TH6 C 16 -0.77 3.93 15.40
HB1 TH6 C 16 -0.79 5.66 16.16
HB1 TH6 C 16 -0.05 5.88 14.37
HG1C TH6 C 16 0.69 4.04 17.36
HG1C TH6 C 16 1.21 4.83 16.13
HG1 TH6 C 16 2.68 3.99 16.28
HG1 TH6 C 16 3.08 3.91 15.13
N PRS C 17 0.96 1.27 15.70
N PRS C 17 0.97 1.56 15.45
CD PRS C 17 0.69 1.99 16.96
CD PRS C 17 1.25 2.70 16.35
CA PRS C 17 1.65 0.00 15.88
CA PRS C 17 1.66 0.36 15.94
CB PRS C 17 2.87 0.74 16.40
CB PRS C 17 2.35 0.70 17.27
SG PRS C 17 2.15 1.39 17.80
SG PRS C 17 2.79 2.36 17.25
C PRS C 17 0.54 -0.91 16.43
C PRS C 17 1.02 -1.00 16.27
O PRS C 17 1.04 -1.91 16.93
O PRS C 17 1.61 -1.99 16.65
HD3 PRS C 17 -0.18 1.80 17.33
HD3 PRS C 17 0.53 2.75 17.00
HA PRS C 17 2.02 -0.48 15.11
HA PRS C 17 2.38 0.17 15.29
HB2 PRS C 17 3.31 1.38 15.82
HB2 PRS C 17 3.15 0.15 17.39
HB3 PRS C 17 3.42 0.09 16.86
HB3 PRS C 17 1.72 0.54 18.00
N GLU C 18 -0.76 -0.62 16.38
N GLU C 18 -0.30 -0.97 16.14
CA GLU C 18 -1.71 -1.42 17.14
CA GLU C 18 -1.10 -1.98 16.82
C GLU C 18 -2.71 -2.18 16.25
C GLU C 18 -2.44 -2.34 16.19
N TRP C 19 -3.12 -3.35 16.74
CA TRP C 19 -4.47 -3.82 16.43
C TRP C 19 -5.43 -3.13 17.41
N VAL C 20 -6.47 -2.52 16.87
CA VAL C 20 -7.48 -1.78 17.63
C VAL C 20 -8.85 -2.39 17.35
N LEU C 21 -9.67 -2.55 18.37
CA LEU C 21 -10.97 -3.18 18.16
C LEU C 21 -11.86 -2.37 17.22
N LEU C 22 -12.49 -3.07 16.28
CA LEU C 22 -13.47 -2.47 15.42
C LEU C 22 -14.63 -1.87 16.22
N SER C 23 -14.97 -2.52 17.34
CA SER C 23 -16.05 -2.04 18.19
C SER C 23 -15.78 -0.72 18.89
N THR C 24 -14.54 -0.23 18.84
CA THR C 24 -14.29 1.14 19.28
C THR C 24 -14.71 2.19 18.26
N PHE C 25 -15.00 1.77 17.04
CA PHE C 25 -15.48 2.61 15.96
C PHE C 25 -16.97 2.51 15.66
N LEU C 26 -17.50 1.29 15.69
CA LEU C 26 -18.86 1.00 15.31
C LEU C 26 -19.77 0.91 16.53
C NA8 D 1 17.95 1.77 -17.05
N NA8 D 1 19.26 0.35 -18.58
O NA8 D 1 17.76 2.55 -17.98
C1 NA8 D 1 22.22 1.55 -17.53
C2 NA8 D 1 21.06 1.89 -16.84
C3 NA8 D 1 20.79 3.23 -16.65
C4 NA8 D 1 21.64 4.21 -17.11
C4A NA8 D 1 22.80 3.88 -17.81
C5 NA8 D 1 23.68 4.86 -18.28
C6 NA8 D 1 24.83 4.50 -18.96
C7 NA8 D 1 25.16 3.17 -19.16
C8 NA8 D 1 24.30 2.19 -18.70
C8A NA8 D 1 23.12 2.53 -18.02
C9 NA8 D 1 20.18 0.79 -16.34
CA NA8 D 1 18.90 0.60 -17.16
H2 NA8 D 1 18.96 -0.54 -18.82
HA NA8 D 1 18.45 -0.21 -16.85
H NA8 D 1 20.20 0.37 -18.74
H3 NA8 D 1 18.85 0.96 -19.20
H1 NA8 D 1 22.45 0.67 -17.67
H9 NA8 D 1 20.03 3.52 -16.20
H91C NA8 D 1 20.64 -0.06 -16.27
H92C NA8 D 1 19.95 1.11 -15.45
H4 NA8 D 1 21.43 5.11 -16.98
H5 NA8 D 1 23.49 5.76 -18.15
H6 NA8 D 1 25.41 5.16 -19.28
H7 NA8 D 1 25.93 2.94 -19.63
H8 NA8 D 1 24.45 1.29 -18.82
N ILE D 2 17.35 1.92 -15.88
CA ILE D 2 16.40 3.00 -15.61
C ILE D 2 17.18 4.29 -15.33
N PRO D 3 16.83 5.39 -16.00
CA PRO D 3 17.45 6.68 -15.70
C PRO D 3 16.78 7.36 -14.53
N GLU D 4 17.39 8.44 -14.06
CA GLU D 4 16.65 9.37 -13.22
C GLU D 4 15.46 9.91 -13.98
N ALA D 5 14.42 10.28 -13.21
CA ALA D 5 13.26 10.97 -13.74
C ALA D 5 13.63 12.40 -14.12
N PRO D 6 12.77 13.07 -14.87
CA PRO D 6 13.06 14.43 -15.27
C PRO D 6 13.37 15.35 -14.10
N ARG D 7 14.28 16.28 -14.31
CA ARG D 7 14.70 17.23 -13.28
CA ARG D 7 14.71 17.25 -13.29
C ARG D 7 13.72 18.40 -13.30
N ASP D 8 12.52 18.14 -12.79
CA ASP D 8 11.42 19.08 -12.95
C ASP D 8 10.47 19.21 -11.78
N DAL D 9 10.76 18.56 -10.66
CA DAL D 9 9.94 18.67 -9.49
CB DAL D 9 10.61 18.16 -8.24
C DAL D 9 8.55 18.09 -9.61
O DAL D 9 7.70 18.35 -8.78
H DAL D 9 11.41 18.04 -10.50
HA DAL D 9 9.81 19.62 -9.28
HB1 DAL D 9 10.79 17.22 -8.34
HB2 DAL D 9 10.05 18.30 -7.47
HB3 DAL D 9 11.43 18.63 -8.11
N GLN D 10 8.31 17.28 -10.63
CA GLN D 10 7.01 16.62 -10.88
C GLN D 10 7.17 15.12 -10.56
N ALA D 11 6.04 14.49 -10.29
CA ALA D 11 5.99 13.06 -9.88
C ALA D 11 5.78 12.11 -11.04
N TYR D 12 6.56 11.03 -11.10
CA TYR D 12 6.58 10.09 -12.20
C TYR D 12 6.40 8.65 -11.74
N VAL D 13 5.79 7.87 -12.62
CA VAL D 13 5.65 6.43 -12.55
C VAL D 13 6.34 5.82 -13.76
N ARG D 14 6.57 4.52 -13.73
CA ARG D 14 7.22 3.86 -14.85
CA ARG D 14 7.24 3.83 -14.81
C ARG D 14 6.16 3.19 -15.69
N LYS D 15 6.22 3.37 -17.00
CA LYS D 15 5.29 2.81 -17.97
C LYS D 15 6.16 2.17 -19.05
N TH6 D 16 6.25 0.86 -19.05
CA TH6 D 16 7.30 0.20 -19.82
CB TH6 D 16 6.97 0.04 -21.30
OB1 TH6 D 16 6.11 -1.08 -21.40
CG TH6 D 16 8.22 -0.11 -22.13
OG1 TH6 D 16 8.91 -1.30 -21.74
C TH6 D 16 8.61 0.91 -19.48
O TH6 D 16 8.85 1.16 -18.30
H TH6 D 16 5.74 0.31 -18.62
HA TH6 D 16 7.41 -0.69 -19.44
HB TH6 D 16 6.49 0.82 -21.62
HB1 TH6 D 16 6.05 -1.34 -22.19
HG1C TH6 D 16 8.09 -0.14 -23.08
HG1 TH6 D 16 9.74 -1.22 -21.70
N PRS D 17 9.42 1.24 -20.49
CD PRS D 17 9.07 1.12 -21.92
CA PRS D 17 10.75 1.78 -20.25
CB PRS D 17 11.64 1.05 -21.27
SG PRS D 17 10.65 1.12 -22.80
C PRS D 17 10.82 3.29 -20.31
O PRS D 17 11.78 3.84 -20.81
HD3 PRS D 17 8.57 1.91 -22.19
HA PRS D 17 11.13 1.49 -19.41
HB2 PRS D 17 11.72 0.12 -21.00
HB3 PRS D 17 12.52 1.44 -21.40
N GLU D 18 9.78 3.94 -19.77
CA GLU D 18 9.71 5.38 -19.71
CA GLU D 18 9.66 5.38 -19.73
C GLU D 18 9.17 5.86 -18.38
N TRP D 19 9.59 7.04 -17.97
CA TRP D 19 8.92 7.74 -16.87
C TRP D 19 7.78 8.57 -17.46
N VAL D 20 6.60 8.50 -16.87
CA VAL D 20 5.44 9.27 -17.29
C VAL D 20 4.83 9.90 -16.05
N LEU D 21 4.31 11.12 -16.17
CA LEU D 21 3.74 11.81 -15.05
C LEU D 21 2.65 10.97 -14.37
N LEU D 22 2.72 10.86 -13.04
CA LEU D 22 1.64 10.28 -12.26
C LEU D 22 0.30 10.86 -12.62
N SER D 23 0.23 12.19 -12.74
CA SER D 23 -1.07 12.83 -12.94
C SER D 23 -1.73 12.46 -14.25
N THR D 24 -0.97 11.95 -15.21
CA THR D 24 -1.56 11.48 -16.45
C THR D 24 -2.60 10.40 -16.23
N PHE D 25 -2.45 9.65 -15.14
CA PHE D 25 -3.26 8.47 -14.84
C PHE D 25 -4.33 8.74 -13.77
N LEU D 26 -4.31 9.90 -13.10
CA LEU D 26 -5.17 10.22 -11.96
C LEU D 26 -6.53 10.79 -12.35
C NA8 E 1 20.69 4.07 -9.74
N NA8 E 1 23.09 3.94 -10.20
O NA8 E 1 21.01 4.53 -8.66
C1 NA8 E 1 23.74 0.95 -11.74
C2 NA8 E 1 22.77 1.84 -12.11
C3 NA8 E 1 22.80 2.37 -13.40
C4 NA8 E 1 23.79 2.01 -14.29
C4A NA8 E 1 24.78 1.09 -13.93
C5 NA8 E 1 25.80 0.72 -14.80
C6 NA8 E 1 26.75 -0.18 -14.42
C7 NA8 E 1 26.70 -0.69 -13.14
C8 NA8 E 1 25.69 -0.33 -12.27
C8A NA8 E 1 24.73 0.59 -12.64
C9 NA8 E 1 21.71 2.23 -11.14
CA NA8 E 1 21.74 3.68 -10.77
H2 NA8 E 1 23.54 4.54 -10.80
HA NA8 E 1 21.61 4.23 -11.58
H NA8 E 1 23.64 3.16 -10.11
H3 NA8 E 1 23.07 4.36 -9.34
H1 NA8 E 1 23.72 0.59 -10.88
H9 NA8 E 1 22.18 2.98 -13.71
H91C NA8 E 1 21.19 1.99 -11.93
H92C NA8 E 1 21.47 1.67 -10.40
H4 NA8 E 1 23.79 2.37 -15.14
H5 NA8 E 1 25.81 1.07 -15.67
H6 NA8 E 1 27.42 -0.44 -15.02
H7 NA8 E 1 27.34 -1.30 -12.86
H8 NA8 E 1 25.69 -0.68 -11.41
N ILE E 2 19.42 3.84 -10.07
CA ILE E 2 18.33 4.21 -9.19
C ILE E 2 18.39 3.35 -7.93
N PRO E 3 18.46 3.90 -6.70
CA PRO E 3 18.44 3.04 -5.52
C PRO E 3 17.10 2.35 -5.35
N GLU E 4 17.12 1.16 -4.75
CA GLU E 4 15.83 0.55 -4.40
C GLU E 4 15.01 1.49 -3.51
N ALA E 5 13.69 1.37 -3.59
CA ALA E 5 12.79 2.09 -2.70
C ALA E 5 12.91 1.61 -1.25
N PRO E 6 12.43 2.44 -0.30
CA PRO E 6 12.43 1.97 1.10
C PRO E 6 11.72 0.63 1.24
N ARG E 7 12.29 -0.28 2.01
CA ARG E 7 11.73 -1.62 2.16
CA ARG E 7 11.72 -1.62 2.13
C ARG E 7 10.71 -1.69 3.28
N ASP E 8 9.71 -0.82 3.20
CA ASP E 8 8.74 -0.65 4.26
C ASP E 8 7.32 -1.08 3.89
N DAL E 9 7.05 -1.52 2.66
CA DAL E 9 5.70 -1.92 2.30
CB DAL E 9 5.82 -3.09 1.38
C DAL E 9 4.86 -0.82 1.69
O DAL E 9 3.75 -1.12 1.23
H DAL E 9 7.62 -1.59 2.03
HA DAL E 9 5.16 -2.28 3.03
HB1 DAL E 9 6.22 -2.81 0.54
HB2 DAL E 9 4.95 -3.46 1.19
HB3 DAL E 9 6.35 -3.76 1.80
N GLN E 10 5.33 0.42 1.69
CA GLN E 10 4.57 1.53 1.14
CA GLN E 10 4.58 1.53 1.14
C GLN E 10 4.93 1.68 -0.33
N ALA E 11 4.03 2.31 -1.09
CA ALA E 11 4.22 2.55 -2.52
C ALA E 11 4.88 3.91 -2.72
N TYR E 12 5.85 3.92 -3.63
CA TYR E 12 6.62 5.09 -3.95
C TYR E 12 6.58 5.42 -5.44
N VAL E 13 6.63 6.72 -5.69
CA VAL E 13 6.81 7.29 -7.01
C VAL E 13 8.11 8.09 -7.01
N ARG E 14 8.57 8.51 -8.19
CA ARG E 14 9.84 9.20 -8.31
C ARG E 14 9.59 10.68 -8.57
N LYS E 15 10.24 11.57 -7.84
CA LYS E 15 10.06 13.01 -7.97
C LYS E 15 11.45 13.64 -7.99
N TH6 E 16 11.88 14.16 -9.13
CA TH6 E 16 13.29 14.46 -9.32
CB TH6 E 16 13.67 15.82 -8.78
OB1 TH6 E 16 13.23 16.79 -9.74
CG TH6 E 16 15.20 15.83 -8.55
OG1 TH6 E 16 15.83 15.64 -9.81
C TH6 E 16 14.09 13.24 -8.84
O TH6 E 16 13.75 12.13 -9.18
H TH6 E 16 11.40 14.36 -9.82
HA TH6 E 16 13.45 14.47 -10.29
HB TH6 E 16 13.22 15.97 -7.93
HB1 TH6 E 16 13.51 17.54 -9.53
HG1C TH6 E 16 15.43 16.69 -8.20
HG1 TH6 E 16 16.65 15.56 -9.71
N PRS E 17 15.17 13.44 -8.08
CD PRS E 17 15.53 14.77 -7.52
CA PRS E 17 16.07 12.34 -7.74
CB PRS E 17 17.45 12.97 -7.89
SG PRS E 17 17.29 14.59 -7.11
C PRS E 17 15.80 11.66 -6.42
O PRS E 17 16.71 11.24 -5.72
HD3 PRS E 17 15.02 14.93 -6.71
HA PRS E 17 16.09 11.62 -8.41
HB2 PRS E 17 17.64 13.10 -8.83
HB3 PRS E 17 18.16 12.46 -7.47
N GLU E 18 14.52 11.56 -6.08
CA GLU E 18 14.16 10.87 -4.86
CA GLU E 18 14.12 10.92 -4.85
C GLU E 18 12.86 10.10 -5.04
N TRP E 19 12.70 9.12 -4.16
CA TRP E 19 11.46 8.37 -3.99
C TRP E 19 10.59 9.12 -2.99
N VAL E 20 9.31 9.30 -3.30
CA VAL E 20 8.32 9.96 -2.46
C VAL E 20 7.11 9.04 -2.38
N LEU E 21 6.52 8.97 -1.19
CA LEU E 21 5.34 8.16 -1.00
C LEU E 21 4.20 8.56 -1.94
N LEU E 22 3.60 7.57 -2.60
CA LEU E 22 2.45 7.79 -3.45
C LEU E 22 1.36 8.50 -2.64
N SER E 23 1.17 8.13 -1.39
CA SER E 23 0.08 8.65 -0.59
C SER E 23 0.23 10.13 -0.26
N THR E 24 1.45 10.65 -0.40
N THR E 24 1.38 10.79 -0.18
CA THR E 24 1.67 12.06 -0.11
CA THR E 24 1.51 12.21 0.23
C THR E 24 1.04 12.92 -1.20
C THR E 24 0.37 13.09 -0.27
N PHE E 25 0.78 12.30 -2.35
N PHE E 25 0.19 12.75 -1.54
CA PHE E 25 0.23 12.99 -3.51
CA PHE E 25 -0.78 13.12 -2.57
C PHE E 25 -1.28 13.03 -3.46
C PHE E 25 -2.26 12.77 -2.39
N LEU E 26 -1.95 12.31 -2.55
N LEU E 26 -2.72 11.53 -2.22
CA LEU E 26 -3.38 12.45 -2.45
CA LEU E 26 -4.17 11.41 -2.10
C LEU E 26 -3.81 13.88 -2.10
C LEU E 26 -4.42 12.89 -1.83
C NA8 F 1 18.44 -1.15 -8.85
N NA8 F 1 20.16 0.18 -7.76
O NA8 F 1 18.22 -1.79 -7.82
C1 NA8 F 1 19.80 -3.14 -10.97
C1 NA8 F 1 20.69 -1.97 -11.76
C2 NA8 F 1 20.63 -2.04 -10.85
C2 NA8 F 1 20.30 -2.41 -10.51
C3 NA8 F 1 21.21 -1.58 -12.03
C3 NA8 F 1 19.45 -3.49 -10.37
C4 NA8 F 1 21.00 -2.13 -13.27
C4 NA8 F 1 19.04 -4.10 -11.54
C4A NA8 F 1 20.16 -3.23 -13.35
C4A NA8 F 1 19.41 -3.70 -12.81
C5 NA8 F 1 19.93 -3.80 -14.59
C5 NA8 F 1 18.96 -4.40 -13.90
C6 NA8 F 1 19.09 -4.89 -14.66
C6 NA8 F 1 19.33 -3.98 -15.17
C7 NA8 F 1 18.50 -5.41 -13.54
C7 NA8 F 1 20.17 -2.89 -15.25
C8 NA8 F 1 18.73 -4.82 -12.30
C8 NA8 F 1 20.64 -2.20 -14.15
C8A NA8 F 1 19.57 -3.72 -12.20
C8A NA8 F 1 20.25 -2.62 -12.90
C9 NA8 F 1 20.88 -1.41 -9.52
C9 NA8 F 1 20.78 -1.66 -9.31
CA NA8 F 1 19.77 -0.45 -9.06
CA NA8 F 1 19.80 -0.51 -9.02
H2 NA8 F 1 19.73 -0.21 -7.00
HA NA8 F 1 19.69 0.27 -9.72
HA NA8 F 1 19.80 0.12 -9.77
H NA8 F 1 19.93 1.11 -7.81
H3 NA8 F 1 21.11 0.17 -7.60
H1 NA8 F 1 19.39 -3.51 -10.22
H1 NA8 F 1 21.25 -1.23 -11.84
H9 NA8 F 1 21.77 -0.84 -11.95
H9 NA8 F 1 19.14 -3.83 -9.57
H91C NA8 F 1 20.95 -2.15 -8.90
H91C NA8 F 1 21.08 -2.03 -8.47
H92C NA8 F 1 21.73 -0.93 -9.57
H92C NA8 F 1 21.52 -1.31 -9.82
H4 NA8 F 1 21.42 -1.76 -14.01
H4 NA8 F 1 18.48 -4.84 -11.50
H5 NA8 F 1 20.34 -3.44 -15.34
H5 NA8 F 1 18.38 -5.12 -13.79
H6 NA8 F 1 18.93 -5.30 -15.48
H6 NA8 F 1 18.91 -4.58 -15.74
H7 NA8 F 1 17.93 -6.14 -13.59
H7 NA8 F 1 20.52 -2.49 -16.02
H8 NA8 F 1 18.32 -5.18 -11.55
H8 NA8 F 1 21.20 -1.46 -14.28
N ILE F 2 17.56 -1.00 -9.84
CA ILE F 2 16.28 -1.73 -9.85
C ILE F 2 16.01 -2.16 -11.28
N PRO F 3 15.35 -3.29 -11.47
CA PRO F 3 15.01 -3.75 -12.80
C PRO F 3 13.91 -2.89 -13.41
N GLU F 4 13.86 -2.95 -14.73
CA GLU F 4 12.76 -2.34 -15.47
C GLU F 4 11.42 -2.93 -15.06
N ALA F 5 10.39 -2.11 -15.17
CA ALA F 5 9.00 -2.54 -15.04
C ALA F 5 8.66 -3.45 -16.22
N PRO F 6 7.60 -4.24 -16.10
CA PRO F 6 7.23 -5.10 -17.24
C PRO F 6 7.01 -4.33 -18.53
N ARG F 7 7.35 -4.99 -19.64
N ARG F 7 7.34 -4.99 -19.63
CA ARG F 7 7.18 -4.35 -20.94
CA ARG F 7 7.19 -4.41 -20.97
C ARG F 7 5.77 -4.58 -21.45
C ARG F 7 5.75 -4.62 -21.41
N ASP F 8 4.84 -3.90 -20.77
CA ASP F 8 3.41 -4.13 -20.94
C ASP F 8 2.56 -2.88 -21.13
N DAL F 9 3.17 -1.71 -21.25
CA DAL F 9 2.43 -0.49 -21.55
CB DAL F 9 3.37 0.61 -22.02
C DAL F 9 1.62 0.03 -20.38
O DAL F 9 0.84 0.96 -20.59
H DAL F 9 4.01 -1.55 -21.17
HA DAL F 9 1.85 -0.64 -22.31
HB1 DAL F 9 4.00 0.81 -21.33
HB2 DAL F 9 2.87 1.38 -22.28
HB3 DAL F 9 3.85 0.28 -22.78
N GLN F 10 1.77 -0.55 -19.19
CA GLN F 10 0.99 -0.15 -18.03
C GLN F 10 1.86 0.60 -17.03
N ALA F 11 1.25 1.49 -16.26
CA ALA F 11 1.97 2.29 -15.25
C ALA F 11 2.12 1.50 -13.93
N TYR F 12 3.32 1.60 -13.38
CA TYR F 12 3.74 0.96 -12.12
C TYR F 12 4.35 1.95 -11.13
N VAL F 13 4.08 1.64 -9.87
CA VAL F 13 4.75 2.24 -8.72
C VAL F 13 5.67 1.22 -8.09
N ARG F 14 6.60 1.67 -7.26
CA ARG F 14 7.56 0.77 -6.62
C ARG F 14 7.12 0.52 -5.17
N LYS F 15 6.91 -0.76 -4.85
CA LYS F 15 6.46 -1.20 -3.53
C LYS F 15 7.50 -2.18 -3.04
N TH6 F 16 8.30 -1.83 -2.05
CA TH6 F 16 9.44 -2.66 -1.65
CB TH6 F 16 9.08 -3.91 -0.81
OB1 TH6 F 16 8.81 -3.40 0.50
CG TH6 F 16 10.16 -4.97 -0.85
OG1 TH6 F 16 11.30 -4.26 -0.37
C TH6 F 16 10.20 -2.97 -2.93
O TH6 F 16 10.48 -2.06 -3.73
H TH6 F 16 8.24 -1.12 -1.58
HA TH6 F 16 10.02 -2.09 -1.12
HB TH6 F 16 8.25 -4.29 -1.15
HB1 TH6 F 16 8.53 -4.03 0.95
HG1C TH6 F 16 9.93 -5.70 -0.28
HG1 TH6 F 16 11.94 -4.77 -0.33
N PRS F 17 10.54 -4.25 -3.13
CD PRS F 17 10.28 -5.45 -2.29
CA PRS F 17 11.33 -4.62 -4.26
CB PRS F 17 12.32 -5.60 -3.67
SG PRS F 17 11.43 -6.71 -2.65
C PRS F 17 10.53 -5.14 -5.44
O PRS F 17 11.00 -5.99 -6.18
HD3 PRS F 17 9.42 -5.80 -2.56
HA PRS F 17 11.86 -3.90 -4.65
HB2 PRS F 17 12.94 -5.12 -3.11
HB3 PRS F 17 12.83 -6.10 -4.34
N GLU F 18 9.32 -4.65 -5.63
CA GLU F 18 8.48 -5.07 -6.73
C GLU F 18 7.83 -3.83 -7.37
N TRP F 19 7.51 -4.00 -8.64
CA TRP F 19 6.66 -3.07 -9.36
C TRP F 19 5.21 -3.54 -9.20
N VAL F 20 4.34 -2.62 -8.79
CA VAL F 20 2.93 -2.92 -8.64
CA VAL F 20 2.93 -2.91 -8.63
C VAL F 20 2.15 -1.91 -9.48
N LEU F 21 1.09 -2.41 -10.10
CA LEU F 21 0.30 -1.59 -11.00
C LEU F 21 -0.27 -0.39 -10.29
N LEU F 22 -0.06 0.79 -10.89
CA LEU F 22 -0.68 1.99 -10.35
C LEU F 22 -2.21 1.81 -10.34
N SER F 23 -2.72 1.13 -11.37
N SER F 23 -2.95 1.20 -11.25
CA SER F 23 -4.15 0.85 -11.60
CA SER F 23 -4.37 1.37 -10.98
C SER F 23 -4.80 0.14 -10.41
C SER F 23 -4.92 0.92 -9.62
N THR F 24 -4.04 -0.68 -9.70
N THR F 24 -4.16 0.09 -8.90
CA THR F 24 -4.51 -1.38 -8.51
CA THR F 24 -4.62 -0.39 -7.62
C THR F 24 -4.77 -0.43 -7.35
C THR F 24 -4.76 0.64 -6.50
N PHE F 25 -4.35 0.83 -7.44
N PHE F 25 -4.17 1.82 -6.68
CA PHE F 25 -4.58 1.85 -6.43
CA PHE F 25 -4.21 2.92 -5.72
C PHE F 25 -5.69 2.78 -6.90
C PHE F 25 -5.17 4.02 -6.17
N LEU F 26 -6.37 2.55 -8.02
N LEU F 26 -5.79 3.85 -7.34
CA LEU F 26 -7.36 3.44 -8.62
CA LEU F 26 -6.78 4.67 -8.00
C LEU F 26 -8.77 2.86 -8.62
C LEU F 26 -8.05 3.88 -7.64
#